data_4OX5
#
_entry.id   4OX5
#
_cell.length_a   48.855
_cell.length_b   60.414
_cell.length_c   138.269
_cell.angle_alpha   90.00
_cell.angle_beta   90.00
_cell.angle_gamma   90.00
#
_symmetry.space_group_name_H-M   'I 2 2 2'
#
loop_
_entity.id
_entity.type
_entity.pdbx_description
1 polymer 'LdcB LD-carboxypeptidase'
2 non-polymer 'ZINC ION'
3 non-polymer 'CHLORIDE ION'
4 non-polymer 2-AMINO-2-HYDROXYMETHYL-PROPANE-1,3-DIOL
5 non-polymer (4S)-2-METHYL-2,4-PENTANEDIOL
6 non-polymer D-ALANINE
7 water water
#
_entity_poly.entity_id   1
_entity_poly.type   'polypeptide(L)'
_entity_poly.pdbx_seq_one_letter_code
;GSH(MSE)EVVNKGDYYSIQGKYDEIIVANKHYPLSKDYNPGENPTAKAELVKLIKA(MSE)QEAGFPISDHYSGFRSYE
TQTKLYQDYVNQDGKEAADRYSARPGYSEHQTGLAFDVIGTDGDLVTEEKAAQWLLDHAADYGFVVRYLKGKEKETGY
(MSE)AEEWHLRYVGKEAKEIAESGLSLEEYYGFEGGDYVD
;
_entity_poly.pdbx_strand_id   A
#
loop_
_chem_comp.id
_chem_comp.type
_chem_comp.name
_chem_comp.formula
CL non-polymer 'CHLORIDE ION' 'Cl -1'
MPD non-polymer (4S)-2-METHYL-2,4-PENTANEDIOL 'C6 H14 O2'
TRS non-polymer 2-AMINO-2-HYDROXYMETHYL-PROPANE-1,3-DIOL 'C4 H12 N O3 1'
ZN non-polymer 'ZINC ION' 'Zn 2'
#
# COMPACT_ATOMS: atom_id res chain seq x y z
N GLY A 1 8.16 -1.82 15.87
CA GLY A 1 6.78 -1.92 16.37
C GLY A 1 6.74 -2.75 17.61
N SER A 2 7.17 -2.17 18.73
CA SER A 2 7.46 -2.93 19.95
C SER A 2 6.76 -2.48 21.27
N HIS A 3 5.65 -3.12 21.69
CA HIS A 3 4.70 -3.87 20.87
C HIS A 3 3.35 -3.37 21.33
N MSE A 4 2.56 -2.90 20.39
CA MSE A 4 1.26 -2.31 20.62
C MSE A 4 0.22 -3.21 20.02
O MSE A 4 0.46 -4.04 19.11
CB MSE A 4 1.22 -0.95 19.93
CG MSE A 4 2.34 0.02 20.37
SE MSE A 4 1.92 0.75 22.16
CE MSE A 4 0.08 1.35 21.82
N GLU A 5 -1.13 -3.22 20.58
CA GLU A 5 -2.23 -3.87 19.88
C GLU A 5 -2.89 -2.97 18.91
N VAL A 6 -3.58 -3.61 17.96
CA VAL A 6 -4.39 -2.93 16.97
C VAL A 6 -5.64 -2.43 17.70
N VAL A 7 -6.06 -1.21 17.39
CA VAL A 7 -7.25 -0.64 18.02
C VAL A 7 -8.26 -0.40 16.96
N ASN A 8 -9.51 -0.71 17.30
CA ASN A 8 -10.56 -0.36 16.40
C ASN A 8 -11.03 1.09 16.67
N LYS A 9 -10.94 1.96 15.67
CA LYS A 9 -11.33 3.38 15.84
C LYS A 9 -12.77 3.60 15.40
N GLY A 10 -13.31 2.68 14.61
CA GLY A 10 -14.74 2.65 14.23
C GLY A 10 -14.93 2.49 12.75
N ASP A 11 -14.41 3.44 12.00
CA ASP A 11 -14.36 3.35 10.53
C ASP A 11 -13.20 2.47 10.04
N TYR A 12 -12.17 2.38 10.89
CA TYR A 12 -10.96 1.62 10.57
C TYR A 12 -10.29 1.11 11.81
N TYR A 13 -9.35 0.13 11.63
CA TYR A 13 -8.41 -0.25 12.70
C TYR A 13 -7.08 0.49 12.56
N SER A 14 -6.36 0.70 13.64
CA SER A 14 -5.06 1.36 13.54
C SER A 14 -4.16 0.79 14.58
N ILE A 15 -2.88 1.07 14.39
CA ILE A 15 -1.89 0.76 15.34
C ILE A 15 -1.05 1.96 15.55
N GLN A 16 -0.68 2.19 16.80
CA GLN A 16 0.12 3.35 17.12
C GLN A 16 1.56 3.06 16.81
N GLY A 17 2.13 3.75 15.81
CA GLY A 17 3.54 3.62 15.47
C GLY A 17 4.42 4.47 16.37
N LYS A 18 5.69 4.50 16.05
CA LYS A 18 6.73 5.17 16.81
C LYS A 18 6.47 6.71 16.83
N TYR A 19 5.89 7.22 15.75
CA TYR A 19 5.66 8.65 15.58
C TYR A 19 4.28 8.98 15.20
N ASP A 20 3.55 8.05 14.59
CA ASP A 20 2.22 8.34 14.02
C ASP A 20 1.33 7.17 14.28
N GLU A 21 0.05 7.44 14.11
CA GLU A 21 -0.92 6.42 14.12
C GLU A 21 -1.13 5.89 12.72
N ILE A 22 -1.09 4.57 12.59
CA ILE A 22 -0.95 3.91 11.28
C ILE A 22 -2.20 3.09 11.01
N ILE A 23 -3.02 3.51 10.03
CA ILE A 23 -4.21 2.76 9.69
C ILE A 23 -3.83 1.38 9.15
N VAL A 24 -4.58 0.36 9.60
CA VAL A 24 -4.28 -1.05 9.24
C VAL A 24 -5.46 -1.51 8.38
N ALA A 25 -5.16 -1.79 7.10
CA ALA A 25 -6.12 -2.36 6.22
C ALA A 25 -5.49 -3.56 5.48
N ASN A 26 -6.07 -4.74 5.69
CA ASN A 26 -5.62 -5.92 4.98
C ASN A 26 -6.71 -7.03 4.95
N LYS A 27 -6.33 -8.27 4.66
CA LYS A 27 -7.36 -9.30 4.52
C LYS A 27 -7.97 -9.70 5.86
N HIS A 28 -7.27 -9.39 6.96
CA HIS A 28 -7.72 -9.61 8.36
C HIS A 28 -8.52 -8.46 8.95
N TYR A 29 -8.15 -7.24 8.59
CA TYR A 29 -8.71 -6.00 9.13
C TYR A 29 -9.32 -5.11 8.03
N PRO A 30 -10.65 -5.23 7.82
CA PRO A 30 -11.32 -4.38 6.84
C PRO A 30 -11.63 -2.99 7.36
N LEU A 31 -11.92 -2.11 6.40
CA LEU A 31 -12.33 -0.76 6.70
C LEU A 31 -13.86 -0.74 6.69
N SER A 32 -14.44 0.23 7.39
CA SER A 32 -15.89 0.41 7.30
C SER A 32 -16.18 0.72 5.84
N LYS A 33 -17.15 0.01 5.23
CA LYS A 33 -17.58 0.23 3.81
C LYS A 33 -18.02 1.68 3.51
N ASP A 34 -18.22 2.45 4.57
CA ASP A 34 -18.51 3.86 4.50
C ASP A 34 -17.26 4.69 4.44
N TYR A 35 -16.21 4.29 5.19
CA TYR A 35 -14.97 5.08 5.33
C TYR A 35 -14.51 5.56 3.95
N ASN A 36 -14.57 6.88 3.79
CA ASN A 36 -14.33 7.46 2.50
C ASN A 36 -13.64 8.79 2.73
N PRO A 37 -12.35 8.73 3.07
CA PRO A 37 -11.69 9.99 3.28
C PRO A 37 -11.20 10.64 1.95
N GLY A 38 -11.23 9.91 0.83
CA GLY A 38 -10.44 10.30 -0.34
C GLY A 38 -8.93 10.41 -0.10
N GLU A 39 -8.22 10.86 -1.13
CA GLU A 39 -6.76 10.98 -1.13
C GLU A 39 -6.23 11.87 -0.02
N ASN A 40 -5.24 11.34 0.71
CA ASN A 40 -4.53 12.11 1.73
C ASN A 40 -3.59 13.14 1.13
N PRO A 41 -3.79 14.44 1.44
CA PRO A 41 -2.99 15.49 0.82
C PRO A 41 -1.54 15.43 1.21
N THR A 42 -1.25 15.08 2.44
CA THR A 42 0.13 15.02 2.89
C THR A 42 0.91 13.90 2.15
N ALA A 43 0.26 12.76 2.01
CA ALA A 43 0.87 11.64 1.25
C ALA A 43 1.02 12.01 -0.18
N LYS A 44 -0.01 12.67 -0.71
CA LYS A 44 0.01 13.11 -2.12
C LYS A 44 1.17 14.06 -2.37
N ALA A 45 1.38 15.03 -1.50
CA ALA A 45 2.46 15.95 -1.73
C ALA A 45 3.80 15.22 -1.78
N GLU A 46 3.94 14.20 -0.93
CA GLU A 46 5.18 13.39 -0.94
C GLU A 46 5.32 12.57 -2.17
N LEU A 47 4.19 12.07 -2.69
CA LEU A 47 4.22 11.29 -3.90
C LEU A 47 4.69 12.11 -5.09
N VAL A 48 4.21 13.34 -5.14
CA VAL A 48 4.69 14.29 -6.14
C VAL A 48 6.22 14.46 -6.21
N LYS A 49 6.83 14.72 -5.08
CA LYS A 49 8.24 14.74 -4.96
C LYS A 49 8.91 13.42 -5.32
N LEU A 50 8.34 12.31 -4.89
CA LEU A 50 8.88 10.99 -5.27
C LEU A 50 8.91 10.79 -6.79
N ILE A 51 7.79 11.09 -7.40
CA ILE A 51 7.67 11.04 -8.85
C ILE A 51 8.70 11.93 -9.57
N LYS A 52 8.80 13.17 -9.11
CA LYS A 52 9.72 14.06 -9.73
C LYS A 52 11.14 13.54 -9.59
N ALA A 53 11.49 13.01 -8.42
CA ALA A 53 12.85 12.49 -8.20
C ALA A 53 13.19 11.33 -9.08
N MSE A 54 12.23 10.44 -9.32
CA MSE A 54 12.44 9.32 -10.27
C MSE A 54 12.64 9.83 -11.72
O MSE A 54 13.37 9.22 -12.52
CB MSE A 54 11.27 8.31 -10.29
CG MSE A 54 11.07 7.62 -8.92
SE MSE A 54 9.88 6.12 -9.04
CE MSE A 54 11.03 4.87 -9.86
N GLN A 55 11.93 10.90 -12.07
CA GLN A 55 11.98 11.47 -13.44
C GLN A 55 13.35 12.10 -13.55
N GLU A 56 13.72 12.90 -12.56
CA GLU A 56 15.07 13.48 -12.48
C GLU A 56 16.18 12.44 -12.57
N ALA A 57 16.00 11.28 -11.93
CA ALA A 57 17.01 10.23 -11.99
C ALA A 57 17.04 9.46 -13.31
N GLY A 58 16.17 9.79 -14.27
CA GLY A 58 16.20 9.12 -15.57
C GLY A 58 15.11 8.13 -15.82
N PHE A 59 14.22 7.89 -14.85
CA PHE A 59 13.23 6.85 -15.00
C PHE A 59 11.97 7.34 -15.78
N PRO A 60 11.45 6.53 -16.72
CA PRO A 60 10.24 6.93 -17.48
C PRO A 60 8.99 6.72 -16.62
N ILE A 61 8.80 7.58 -15.64
CA ILE A 61 7.64 7.46 -14.72
C ILE A 61 6.57 8.54 -15.03
N SER A 62 5.31 8.14 -15.07
CA SER A 62 4.18 9.07 -15.32
C SER A 62 3.84 9.95 -14.13
N ASP A 63 3.22 11.10 -14.41
CA ASP A 63 2.72 11.97 -13.36
C ASP A 63 1.45 11.36 -12.83
N HIS A 64 0.89 10.43 -13.62
CA HIS A 64 -0.34 9.78 -13.25
C HIS A 64 -0.10 8.57 -12.38
N TYR A 65 -1.11 8.26 -11.60
CA TYR A 65 -0.98 7.19 -10.58
C TYR A 65 -2.33 6.76 -10.22
N SER A 66 -2.45 5.61 -9.55
CA SER A 66 -3.75 5.14 -9.04
C SER A 66 -3.73 5.27 -7.51
N GLY A 67 -4.57 6.12 -6.96
CA GLY A 67 -4.56 6.44 -5.54
C GLY A 67 -5.84 5.98 -4.92
N PHE A 68 -6.61 6.96 -4.45
CA PHE A 68 -7.85 6.68 -3.76
C PHE A 68 -8.78 5.90 -4.67
N ARG A 69 -9.29 4.79 -4.13
CA ARG A 69 -10.40 4.01 -4.72
C ARG A 69 -11.39 3.77 -3.59
N SER A 70 -12.63 4.25 -3.74
CA SER A 70 -13.71 4.08 -2.73
C SER A 70 -14.10 2.58 -2.66
N TYR A 71 -14.97 2.24 -1.70
CA TYR A 71 -15.58 0.91 -1.63
C TYR A 71 -16.30 0.49 -2.90
N GLU A 72 -17.02 1.42 -3.51
CA GLU A 72 -17.82 1.05 -4.66
C GLU A 72 -16.89 0.79 -5.78
N THR A 73 -15.87 1.65 -5.92
CA THR A 73 -14.92 1.45 -7.01
C THR A 73 -14.29 0.06 -6.87
N GLN A 74 -13.92 -0.30 -5.62
CA GLN A 74 -13.24 -1.58 -5.32
C GLN A 74 -14.15 -2.76 -5.72
N THR A 75 -15.46 -2.58 -5.49
CA THR A 75 -16.46 -3.61 -5.84
C THR A 75 -16.47 -3.98 -7.33
N LYS A 76 -16.47 -2.96 -8.18
CA LYS A 76 -16.42 -3.13 -9.63
C LYS A 76 -15.15 -3.86 -10.03
N LEU A 77 -14.03 -3.35 -9.54
CA LEU A 77 -12.71 -3.87 -9.85
C LEU A 77 -12.51 -5.32 -9.39
N TYR A 78 -12.93 -5.60 -8.14
CA TYR A 78 -12.84 -6.98 -7.64
C TYR A 78 -13.71 -7.88 -8.51
N GLN A 79 -15.01 -7.56 -8.66
CA GLN A 79 -15.95 -8.33 -9.53
C GLN A 79 -15.37 -8.64 -10.92
N ASP A 80 -14.91 -7.57 -11.58
CA ASP A 80 -14.32 -7.65 -12.92
C ASP A 80 -13.23 -8.69 -12.95
N TYR A 81 -12.41 -8.72 -11.89
CA TYR A 81 -11.31 -9.69 -11.83
C TYR A 81 -11.76 -11.13 -11.66
N VAL A 82 -12.86 -11.37 -10.93
CA VAL A 82 -13.46 -12.74 -10.80
C VAL A 82 -13.59 -13.44 -12.18
N ASN A 83 -13.89 -12.63 -13.20
CA ASN A 83 -14.17 -13.08 -14.56
C ASN A 83 -12.96 -13.69 -15.27
N GLY A 86 -11.28 -16.10 -11.90
CA GLY A 86 -12.01 -16.73 -10.78
C GLY A 86 -11.84 -15.98 -9.46
N LYS A 87 -12.73 -16.20 -8.50
CA LYS A 87 -12.57 -15.64 -7.13
C LYS A 87 -11.20 -16.04 -6.60
N GLU A 88 -10.87 -17.32 -6.74
CA GLU A 88 -9.57 -17.86 -6.36
C GLU A 88 -8.40 -16.99 -6.83
N ALA A 89 -8.22 -16.88 -8.14
CA ALA A 89 -7.09 -16.14 -8.73
C ALA A 89 -7.12 -14.61 -8.46
N ALA A 90 -8.32 -14.04 -8.36
CA ALA A 90 -8.46 -12.61 -8.11
C ALA A 90 -8.01 -12.23 -6.68
N ASP A 91 -8.37 -13.09 -5.72
CA ASP A 91 -7.92 -12.99 -4.34
C ASP A 91 -6.40 -12.95 -4.14
N ARG A 92 -5.65 -13.54 -5.07
CA ARG A 92 -4.20 -13.60 -4.98
C ARG A 92 -3.59 -12.17 -5.14
N TYR A 93 -4.30 -11.31 -5.88
CA TYR A 93 -3.77 -10.01 -6.25
C TYR A 93 -4.73 -8.80 -6.17
N SER A 94 -6.02 -9.01 -5.87
CA SER A 94 -6.98 -7.92 -5.86
C SER A 94 -7.74 -7.95 -4.57
N ALA A 95 -7.89 -6.79 -3.93
CA ALA A 95 -8.57 -6.72 -2.66
C ALA A 95 -10.06 -6.80 -2.85
N ARG A 96 -10.71 -7.48 -1.91
CA ARG A 96 -12.15 -7.43 -1.81
C ARG A 96 -12.51 -6.06 -1.27
N PRO A 97 -13.74 -5.59 -1.56
CA PRO A 97 -14.03 -4.23 -1.11
C PRO A 97 -14.09 -4.17 0.36
N GLY A 98 -13.55 -3.08 0.90
CA GLY A 98 -13.39 -2.82 2.32
C GLY A 98 -12.00 -3.22 2.82
N TYR A 99 -11.26 -3.96 2.01
CA TYR A 99 -9.97 -4.52 2.38
C TYR A 99 -8.72 -3.81 1.78
N SER A 100 -8.90 -2.84 0.88
CA SER A 100 -7.79 -2.28 0.07
C SER A 100 -7.27 -1.12 0.83
N GLU A 101 -5.94 -1.03 0.89
CA GLU A 101 -5.33 0.17 1.33
C GLU A 101 -5.70 1.35 0.43
N HIS A 102 -6.11 1.09 -0.80
CA HIS A 102 -6.46 2.24 -1.63
C HIS A 102 -7.65 3.08 -1.12
N GLN A 103 -8.47 2.45 -0.30
CA GLN A 103 -9.63 3.11 0.30
C GLN A 103 -9.25 4.06 1.42
N THR A 104 -8.00 4.00 1.90
CA THR A 104 -7.52 4.89 2.96
C THR A 104 -7.08 6.25 2.46
N GLY A 105 -6.82 6.32 1.15
CA GLY A 105 -6.21 7.47 0.46
C GLY A 105 -4.71 7.62 0.76
N LEU A 106 -4.09 6.57 1.31
CA LEU A 106 -2.68 6.57 1.70
C LEU A 106 -1.88 5.63 0.79
N ALA A 107 -2.56 4.96 -0.12
CA ALA A 107 -1.91 4.02 -1.04
C ALA A 107 -1.94 4.52 -2.50
N PHE A 108 -0.86 4.29 -3.23
CA PHE A 108 -0.68 4.86 -4.56
C PHE A 108 0.14 3.89 -5.34
N ASP A 109 -0.33 3.61 -6.55
CA ASP A 109 0.37 2.79 -7.50
C ASP A 109 1.08 3.73 -8.53
N VAL A 110 2.37 3.60 -8.63
CA VAL A 110 3.25 4.31 -9.58
C VAL A 110 3.16 3.64 -11.03
N ILE A 111 3.07 4.47 -12.09
CA ILE A 111 2.85 4.01 -13.48
C ILE A 111 3.98 4.56 -14.33
N GLY A 112 4.47 3.75 -15.26
CA GLY A 112 5.47 4.18 -16.25
C GLY A 112 4.79 4.99 -17.34
N THR A 113 5.56 5.84 -18.01
CA THR A 113 5.05 6.63 -19.12
C THR A 113 4.56 5.72 -20.26
N ASP A 114 4.89 4.43 -20.18
CA ASP A 114 4.40 3.43 -21.11
C ASP A 114 3.00 2.86 -20.79
N GLY A 115 2.33 3.41 -19.79
CA GLY A 115 0.98 3.01 -19.38
C GLY A 115 0.85 1.88 -18.36
N ASP A 116 1.95 1.19 -18.04
CA ASP A 116 1.87 -0.02 -17.22
C ASP A 116 2.34 0.32 -15.81
N LEU A 117 1.74 -0.32 -14.82
CA LEU A 117 2.30 -0.36 -13.43
C LEU A 117 3.78 -0.69 -13.48
N VAL A 118 4.61 -0.01 -12.67
CA VAL A 118 6.05 -0.17 -12.69
C VAL A 118 6.43 -1.57 -12.20
N THR A 119 7.20 -2.22 -13.06
CA THR A 119 7.86 -3.51 -12.75
C THR A 119 9.31 -3.55 -13.20
N GLU A 120 9.76 -2.55 -13.96
CA GLU A 120 11.07 -2.62 -14.51
C GLU A 120 12.02 -2.68 -13.31
N GLU A 121 13.06 -3.48 -13.42
CA GLU A 121 13.89 -3.78 -12.27
C GLU A 121 14.60 -2.63 -11.60
N LYS A 122 15.19 -1.68 -12.35
CA LYS A 122 15.94 -0.62 -11.70
C LYS A 122 15.00 0.31 -11.01
N ALA A 123 13.87 0.53 -11.64
CA ALA A 123 12.83 1.37 -11.07
C ALA A 123 12.23 0.73 -9.80
N ALA A 124 12.02 -0.58 -9.84
CA ALA A 124 11.52 -1.32 -8.65
C ALA A 124 12.52 -1.20 -7.47
N GLN A 125 13.79 -1.34 -7.80
CA GLN A 125 14.83 -1.27 -6.76
C GLN A 125 14.97 0.14 -6.18
N TRP A 126 14.89 1.17 -7.06
CA TRP A 126 14.89 2.55 -6.66
C TRP A 126 13.79 2.75 -5.61
N LEU A 127 12.56 2.27 -5.85
CA LEU A 127 11.46 2.41 -4.89
C LEU A 127 11.80 1.67 -3.58
N LEU A 128 12.36 0.44 -3.63
CA LEU A 128 12.80 -0.18 -2.36
C LEU A 128 13.86 0.69 -1.59
N ASP A 129 14.75 1.30 -2.35
CA ASP A 129 15.87 2.13 -1.86
C ASP A 129 15.42 3.45 -1.32
N HIS A 130 14.45 4.10 -1.98
CA HIS A 130 14.12 5.50 -1.68
C HIS A 130 12.71 5.86 -1.34
N ALA A 131 11.76 4.91 -1.43
CA ALA A 131 10.38 5.24 -1.08
C ALA A 131 10.32 5.86 0.30
N ALA A 132 11.18 5.39 1.20
CA ALA A 132 11.12 5.86 2.57
C ALA A 132 11.55 7.30 2.67
N ASP A 133 12.30 7.79 1.68
CA ASP A 133 12.76 9.22 1.69
C ASP A 133 11.54 10.11 1.58
N TYR A 134 10.40 9.57 1.13
CA TYR A 134 9.13 10.32 0.96
C TYR A 134 7.98 9.83 1.85
N GLY A 135 8.36 9.04 2.85
CA GLY A 135 7.43 8.53 3.87
C GLY A 135 6.64 7.30 3.49
N PHE A 136 7.04 6.65 2.38
CA PHE A 136 6.39 5.49 1.90
C PHE A 136 7.15 4.18 2.05
N VAL A 137 6.39 3.07 2.02
CA VAL A 137 6.95 1.73 1.97
C VAL A 137 6.41 1.01 0.76
N VAL A 138 7.22 0.08 0.21
CA VAL A 138 6.71 -0.90 -0.78
C VAL A 138 5.99 -1.93 0.05
N ARG A 139 4.67 -1.90 0.00
CA ARG A 139 3.89 -2.71 0.92
C ARG A 139 4.00 -4.20 0.68
N TYR A 140 3.85 -4.60 -0.60
CA TYR A 140 3.73 -6.02 -0.97
C TYR A 140 5.05 -6.51 -1.46
N LEU A 141 5.90 -6.78 -0.47
CA LEU A 141 7.22 -7.17 -0.74
C LEU A 141 7.34 -8.58 -1.35
N LYS A 142 8.38 -8.72 -2.15
CA LYS A 142 8.72 -10.04 -2.70
C LYS A 142 9.13 -10.98 -1.52
N GLY A 143 8.68 -12.21 -1.53
CA GLY A 143 8.94 -13.14 -0.44
C GLY A 143 8.18 -12.91 0.87
N LYS A 144 7.20 -12.00 0.89
CA LYS A 144 6.38 -11.72 2.08
C LYS A 144 4.92 -11.89 1.75
N GLU A 145 4.64 -12.69 0.75
CA GLU A 145 3.27 -12.91 0.32
C GLU A 145 2.41 -13.58 1.41
N LYS A 146 3.00 -14.50 2.17
CA LYS A 146 2.32 -15.15 3.33
C LYS A 146 1.89 -14.15 4.40
N GLU A 147 2.77 -13.23 4.67
CA GLU A 147 2.58 -12.25 5.72
C GLU A 147 1.54 -11.20 5.31
N THR A 148 1.70 -10.66 4.10
CA THR A 148 0.85 -9.55 3.68
C THR A 148 -0.47 -10.01 3.16
N GLY A 149 -0.51 -11.24 2.68
CA GLY A 149 -1.72 -11.73 2.01
C GLY A 149 -1.74 -11.64 0.49
N TYR A 150 -0.76 -10.96 -0.12
CA TYR A 150 -0.83 -10.65 -1.56
C TYR A 150 0.42 -10.95 -2.26
N MSE A 151 0.29 -11.34 -3.52
N MSE A 151 0.31 -11.34 -3.53
CA MSE A 151 1.36 -11.43 -4.44
CA MSE A 151 1.48 -11.52 -4.34
C MSE A 151 2.17 -10.16 -4.36
C MSE A 151 2.17 -10.20 -4.33
O MSE A 151 1.58 -9.10 -4.15
O MSE A 151 1.55 -9.16 -4.15
CB MSE A 151 0.63 -11.54 -5.81
CB MSE A 151 1.14 -11.83 -5.81
CG MSE A 151 1.58 -11.61 -6.99
CG MSE A 151 0.47 -13.19 -5.89
SE MSE A 151 0.69 -11.98 -8.63
SE MSE A 151 1.83 -14.59 -6.05
CE MSE A 151 0.15 -13.56 -7.78
CE MSE A 151 2.12 -14.22 -7.96
N ALA A 152 3.48 -10.26 -4.52
CA ALA A 152 4.36 -9.07 -4.57
C ALA A 152 3.93 -8.06 -5.62
N GLU A 153 4.04 -6.76 -5.26
CA GLU A 153 3.74 -5.59 -6.16
C GLU A 153 4.85 -4.57 -6.05
N GLU A 154 5.59 -4.38 -7.12
CA GLU A 154 6.68 -3.41 -7.16
C GLU A 154 6.24 -1.99 -7.08
N TRP A 155 4.98 -1.75 -7.48
CA TRP A 155 4.47 -0.42 -7.77
C TRP A 155 3.55 0.18 -6.67
N HIS A 156 3.15 -0.61 -5.69
CA HIS A 156 2.19 -0.18 -4.72
C HIS A 156 2.91 0.40 -3.53
N LEU A 157 2.72 1.68 -3.30
CA LEU A 157 3.32 2.42 -2.18
C LEU A 157 2.32 2.74 -1.08
N ARG A 158 2.72 2.57 0.18
CA ARG A 158 1.81 2.90 1.27
C ARG A 158 2.45 3.99 2.13
N TYR A 159 1.72 5.09 2.32
CA TYR A 159 2.26 6.20 3.11
C TYR A 159 2.13 5.85 4.56
N VAL A 160 3.27 5.88 5.26
CA VAL A 160 3.33 5.74 6.73
C VAL A 160 4.08 6.86 7.46
N GLY A 161 4.74 7.74 6.72
CA GLY A 161 5.55 8.82 7.32
C GLY A 161 6.94 8.53 7.80
N LYS A 162 7.32 9.21 8.86
CA LYS A 162 8.69 9.17 9.31
C LYS A 162 9.21 7.75 9.57
N GLU A 163 8.32 6.85 10.04
CA GLU A 163 8.79 5.50 10.43
C GLU A 163 9.14 4.63 9.22
N ALA A 164 8.82 5.08 7.99
CA ALA A 164 9.20 4.33 6.81
C ALA A 164 10.65 3.94 6.73
N LYS A 165 11.58 4.85 7.09
CA LYS A 165 12.98 4.44 7.02
C LYS A 165 13.33 3.24 7.95
N GLU A 166 12.86 3.21 9.22
CA GLU A 166 13.16 2.08 10.11
C GLU A 166 12.51 0.83 9.57
N ILE A 167 11.31 1.00 9.06
CA ILE A 167 10.58 -0.12 8.41
C ILE A 167 11.41 -0.69 7.24
N ALA A 168 11.84 0.16 6.32
CA ALA A 168 12.49 -0.31 5.13
C ALA A 168 13.80 -1.00 5.56
N GLU A 169 14.45 -0.43 6.54
CA GLU A 169 15.67 -1.02 7.03
C GLU A 169 15.51 -2.46 7.60
N SER A 170 14.34 -2.77 8.16
CA SER A 170 14.05 -4.08 8.74
C SER A 170 13.86 -5.19 7.67
N GLY A 171 13.48 -4.77 6.45
CA GLY A 171 13.01 -5.68 5.40
C GLY A 171 11.71 -6.40 5.71
N LEU A 172 10.94 -5.92 6.69
CA LEU A 172 9.74 -6.60 7.10
C LEU A 172 8.52 -5.99 6.47
N SER A 173 7.48 -6.82 6.35
CA SER A 173 6.11 -6.35 6.16
C SER A 173 5.65 -5.54 7.39
N LEU A 174 4.65 -4.66 7.18
CA LEU A 174 4.05 -3.98 8.30
C LEU A 174 3.52 -4.95 9.33
N GLU A 175 2.92 -6.03 8.86
CA GLU A 175 2.36 -7.10 9.71
C GLU A 175 3.41 -7.54 10.71
N GLU A 176 4.56 -7.86 10.17
CA GLU A 176 5.68 -8.36 10.98
C GLU A 176 6.28 -7.24 11.78
N TYR A 177 6.40 -6.07 11.19
CA TYR A 177 7.09 -4.99 11.92
C TYR A 177 6.28 -4.54 13.15
N TYR A 178 4.98 -4.43 13.01
CA TYR A 178 4.15 -3.93 14.14
C TYR A 178 3.49 -5.08 14.87
N GLY A 179 3.68 -6.29 14.33
CA GLY A 179 3.19 -7.51 14.98
C GLY A 179 1.72 -7.72 14.92
N PHE A 180 1.09 -7.34 13.83
CA PHE A 180 -0.33 -7.63 13.62
C PHE A 180 -0.54 -8.66 12.56
N GLU A 181 -1.73 -9.29 12.60
CA GLU A 181 -2.09 -10.35 11.62
C GLU A 181 -2.38 -9.84 10.23
N GLY A 182 -1.88 -10.57 9.22
CA GLY A 182 -2.28 -10.31 7.86
C GLY A 182 -2.82 -11.62 7.29
N GLY A 183 -2.10 -12.20 6.34
CA GLY A 183 -2.49 -13.52 5.80
C GLY A 183 -3.84 -13.45 5.06
N ASP A 184 -4.58 -14.55 5.09
CA ASP A 184 -5.77 -14.68 4.30
C ASP A 184 -6.97 -14.17 5.03
N TYR A 185 -8.05 -13.97 4.27
CA TYR A 185 -9.37 -13.65 4.78
C TYR A 185 -9.79 -14.75 5.74
N VAL A 186 -10.57 -14.40 6.79
CA VAL A 186 -11.13 -15.36 7.75
C VAL A 186 -12.64 -15.15 7.94
ZN ZN B . 17.36 7.41 -0.66
ZN ZN C . -2.02 -0.55 -5.27
ZN ZN D . -8.40 -11.18 14.43
CL CL E . 8.29 12.55 5.67
C TRS F . -0.23 16.48 -16.61
C1 TRS F . 0.36 17.47 -17.56
C2 TRS F . 0.53 15.33 -15.98
C3 TRS F . -1.59 17.01 -16.09
N TRS F . -0.75 15.56 -17.76
O1 TRS F . 0.65 18.57 -16.70
O2 TRS F . 1.82 15.23 -16.58
O3 TRS F . -2.15 15.82 -15.54
C1 MPD G . 10.53 -4.36 -18.20
C2 MPD G . 9.44 -3.32 -18.51
O2 MPD G . 8.56 -3.80 -19.54
CM MPD G . 8.54 -3.12 -17.29
C3 MPD G . 10.07 -1.96 -18.92
C4 MPD G . 11.18 -2.00 -19.99
O4 MPD G . 10.80 -1.12 -21.03
C5 MPD G . 12.58 -1.61 -19.53
N DAL H . -3.41 -4.92 -5.07
CA DAL H . -3.86 -4.49 -3.79
CB DAL H . -3.84 -5.62 -2.81
C DAL H . -5.23 -3.94 -3.87
O DAL H . -5.53 -3.09 -3.07
OXT DAL H . -6.01 -4.32 -4.74
#